data_7PLD
#
_entry.id   7PLD
#
_cell.length_a   87.747
_cell.length_b   171.729
_cell.length_c   79.254
_cell.angle_alpha   90.000
_cell.angle_beta   90.000
_cell.angle_gamma   90.000
#
_symmetry.space_group_name_H-M   'C 2 2 21'
#
loop_
_entity.id
_entity.type
_entity.pdbx_description
1 polymer 'Smp-30/Cgr1 family protein'
2 non-polymer (R)-4-hydroxy-2-pyrrolidone
3 non-polymer 'FE (II) ION'
4 water water
#
_entity_poly.entity_id   1
_entity_poly.type   'polypeptide(L)'
_entity_poly.pdbx_seq_one_letter_code
;MATAQVTCVWDLKATLGEGPIWHGDTLWFVDIKQRKIHNYHPATGERFSFDAPDQVTFLAPIVGATGFVVGLKTGIHRFH
PATGFSLLLEVEDAALNNRPNDATVDAQGRLWFGTMHDGEENNSGSLYRMDLTGVARMDRDICITNGPCVSPDGKTFYHT
DTLEKTIYAFDLAEDGLLSNKRVFVQFALGDDVYPDGSVVDSEGYLWTALWGGFGAVRFSPQGDAVTRIELPAPNVTKPC
FGGPDLKTLYFTTARKGLSDETLAQYPLAGGVFAVPVDVAGQPQHEVRLV
;
_entity_poly.pdbx_strand_id   A,B
#
loop_
_chem_comp.id
_chem_comp.type
_chem_comp.name
_chem_comp.formula
7UK non-polymer (R)-4-hydroxy-2-pyrrolidone 'C4 H7 N O2'
FE2 non-polymer 'FE (II) ION' 'Fe 2'
#
# COMPACT_ATOMS: atom_id res chain seq x y z
N ALA A 4 -37.55 1.64 -17.72
CA ALA A 4 -36.52 0.71 -18.18
C ALA A 4 -36.76 -0.68 -17.61
N GLN A 5 -36.32 -1.71 -18.33
CA GLN A 5 -36.49 -3.07 -17.85
C GLN A 5 -35.27 -3.46 -17.01
N VAL A 6 -35.55 -4.10 -15.88
CA VAL A 6 -34.51 -4.63 -15.01
C VAL A 6 -34.08 -5.98 -15.54
N THR A 7 -32.78 -6.26 -15.53
CA THR A 7 -32.29 -7.57 -15.93
C THR A 7 -31.58 -8.24 -14.77
N CYS A 8 -31.88 -9.52 -14.55
CA CYS A 8 -31.07 -10.30 -13.62
C CYS A 8 -29.93 -10.84 -14.46
N VAL A 9 -28.75 -10.21 -14.34
CA VAL A 9 -27.61 -10.60 -15.17
C VAL A 9 -26.81 -11.74 -14.59
N TRP A 10 -27.03 -12.10 -13.33
CA TRP A 10 -26.33 -13.22 -12.72
C TRP A 10 -27.21 -13.77 -11.60
N ASP A 11 -27.84 -14.92 -11.87
CA ASP A 11 -28.69 -15.61 -10.91
C ASP A 11 -27.82 -16.34 -9.89
N LEU A 12 -27.05 -15.54 -9.14
CA LEU A 12 -25.99 -16.04 -8.27
C LEU A 12 -26.53 -16.64 -6.98
N LYS A 13 -27.69 -16.18 -6.51
CA LYS A 13 -28.26 -16.65 -5.25
C LYS A 13 -27.26 -16.47 -4.11
N ALA A 14 -26.62 -15.30 -4.08
CA ALA A 14 -25.68 -14.97 -3.01
C ALA A 14 -26.40 -14.88 -1.67
N THR A 15 -25.70 -15.30 -0.60
CA THR A 15 -26.26 -15.14 0.74
C THR A 15 -26.34 -13.67 1.13
N LEU A 16 -25.25 -12.92 0.92
CA LEU A 16 -25.17 -11.52 1.29
C LEU A 16 -24.28 -10.83 0.24
N GLY A 17 -24.80 -10.72 -0.98
CA GLY A 17 -24.12 -9.93 -1.98
C GLY A 17 -24.02 -8.49 -1.53
N GLU A 18 -22.84 -7.90 -1.70
CA GLU A 18 -22.56 -6.60 -1.13
C GLU A 18 -21.36 -5.98 -1.85
N GLY A 19 -21.09 -4.71 -1.53
CA GLY A 19 -19.87 -4.04 -1.89
C GLY A 19 -19.51 -3.99 -3.36
N PRO A 20 -20.48 -3.77 -4.26
CA PRO A 20 -20.15 -3.71 -5.69
C PRO A 20 -19.35 -2.47 -6.02
N ILE A 21 -18.35 -2.63 -6.90
CA ILE A 21 -17.61 -1.53 -7.49
C ILE A 21 -17.43 -1.80 -8.99
N TRP A 22 -17.24 -0.73 -9.75
CA TRP A 22 -16.95 -0.80 -11.18
C TRP A 22 -15.47 -0.53 -11.38
N HIS A 23 -14.74 -1.53 -11.87
CA HIS A 23 -13.29 -1.40 -11.97
C HIS A 23 -12.79 -2.22 -13.14
N GLY A 24 -11.85 -1.64 -13.89
CA GLY A 24 -11.36 -2.32 -15.07
C GLY A 24 -12.47 -2.67 -16.03
N ASP A 25 -13.51 -1.84 -16.10
CA ASP A 25 -14.61 -2.05 -17.03
C ASP A 25 -15.39 -3.32 -16.71
N THR A 26 -15.34 -3.78 -15.46
CA THR A 26 -16.10 -4.93 -15.03
C THR A 26 -16.61 -4.69 -13.61
N LEU A 27 -17.51 -5.57 -13.16
CA LEU A 27 -18.18 -5.45 -11.88
C LEU A 27 -17.50 -6.40 -10.89
N TRP A 28 -17.02 -5.84 -9.79
CA TRP A 28 -16.47 -6.61 -8.67
C TRP A 28 -17.38 -6.45 -7.48
N PHE A 29 -17.58 -7.53 -6.72
CA PHE A 29 -18.39 -7.43 -5.52
C PHE A 29 -18.07 -8.64 -4.65
N VAL A 30 -18.76 -8.73 -3.52
CA VAL A 30 -18.50 -9.76 -2.53
C VAL A 30 -19.79 -10.49 -2.21
N ASP A 31 -19.64 -11.69 -1.67
CA ASP A 31 -20.66 -12.35 -0.88
C ASP A 31 -20.08 -12.49 0.51
N ILE A 32 -20.55 -11.67 1.45
CA ILE A 32 -19.92 -11.57 2.76
C ILE A 32 -19.94 -12.92 3.47
N LYS A 33 -21.11 -13.55 3.52
CA LYS A 33 -21.31 -14.74 4.34
C LYS A 33 -20.77 -16.01 3.68
N GLN A 34 -20.74 -16.07 2.36
CA GLN A 34 -20.09 -17.18 1.69
C GLN A 34 -18.59 -16.97 1.53
N ARG A 35 -18.09 -15.82 1.96
CA ARG A 35 -16.65 -15.54 1.98
C ARG A 35 -16.07 -15.62 0.56
N LYS A 36 -16.66 -14.84 -0.34
CA LYS A 36 -16.25 -14.87 -1.73
C LYS A 36 -16.14 -13.46 -2.29
N ILE A 37 -15.14 -13.28 -3.15
CA ILE A 37 -15.06 -12.14 -4.05
C ILE A 37 -15.53 -12.61 -5.42
N HIS A 38 -16.40 -11.82 -6.05
CA HIS A 38 -16.94 -12.17 -7.36
C HIS A 38 -16.59 -11.06 -8.34
N ASN A 39 -16.51 -11.44 -9.61
CA ASN A 39 -16.21 -10.53 -10.73
C ASN A 39 -17.11 -10.94 -11.89
N TYR A 40 -17.82 -9.98 -12.45
CA TYR A 40 -18.73 -10.21 -13.57
C TYR A 40 -18.34 -9.31 -14.73
N HIS A 41 -18.15 -9.88 -15.92
CA HIS A 41 -17.80 -9.12 -17.11
C HIS A 41 -19.04 -8.94 -17.96
N PRO A 42 -19.67 -7.76 -17.98
CA PRO A 42 -20.93 -7.65 -18.75
C PRO A 42 -20.78 -7.83 -20.25
N ALA A 43 -19.61 -7.51 -20.81
CA ALA A 43 -19.46 -7.58 -22.26
C ALA A 43 -19.47 -9.01 -22.77
N THR A 44 -19.06 -9.96 -21.94
CA THR A 44 -18.97 -11.36 -22.34
C THR A 44 -19.79 -12.28 -21.47
N GLY A 45 -20.20 -11.84 -20.28
CA GLY A 45 -20.89 -12.68 -19.33
C GLY A 45 -19.99 -13.53 -18.49
N GLU A 46 -18.66 -13.41 -18.63
CA GLU A 46 -17.76 -14.24 -17.85
C GLU A 46 -17.87 -13.93 -16.38
N ARG A 47 -17.80 -14.99 -15.58
CA ARG A 47 -17.90 -14.89 -14.13
C ARG A 47 -16.66 -15.50 -13.49
N PHE A 48 -16.16 -14.85 -12.44
CA PHE A 48 -15.02 -15.34 -11.69
C PHE A 48 -15.34 -15.23 -10.20
N SER A 49 -14.78 -16.15 -9.41
CA SER A 49 -15.02 -16.16 -7.98
C SER A 49 -13.74 -16.54 -7.26
N PHE A 50 -13.50 -15.91 -6.11
CA PHE A 50 -12.32 -16.12 -5.29
C PHE A 50 -12.74 -16.35 -3.84
N ASP A 51 -12.19 -17.38 -3.22
CA ASP A 51 -12.47 -17.69 -1.83
C ASP A 51 -11.66 -16.81 -0.89
N ALA A 52 -12.30 -16.26 0.12
CA ALA A 52 -11.64 -15.46 1.13
C ALA A 52 -11.52 -16.25 2.42
N PRO A 53 -10.47 -16.01 3.21
CA PRO A 53 -10.27 -16.76 4.45
C PRO A 53 -11.18 -16.33 5.58
N ASP A 54 -11.93 -15.24 5.40
CA ASP A 54 -12.90 -14.80 6.38
C ASP A 54 -13.99 -14.05 5.63
N GLN A 55 -15.00 -13.59 6.36
CA GLN A 55 -15.97 -12.71 5.75
C GLN A 55 -15.24 -11.55 5.10
N VAL A 56 -15.64 -11.24 3.86
CA VAL A 56 -15.06 -10.15 3.07
C VAL A 56 -16.17 -9.20 2.71
N THR A 57 -15.96 -7.89 2.95
CA THR A 57 -17.09 -6.97 3.00
C THR A 57 -17.00 -5.77 2.07
N PHE A 58 -15.82 -5.39 1.60
CA PHE A 58 -15.69 -4.29 0.65
C PHE A 58 -14.42 -4.48 -0.17
N LEU A 59 -14.39 -3.82 -1.34
CA LEU A 59 -13.26 -3.84 -2.26
C LEU A 59 -12.96 -2.42 -2.74
N ALA A 60 -11.68 -2.11 -2.88
CA ALA A 60 -11.26 -0.81 -3.38
C ALA A 60 -9.92 -0.89 -4.12
N PRO A 61 -9.84 -0.34 -5.33
CA PRO A 61 -8.56 -0.34 -6.06
C PRO A 61 -7.57 0.66 -5.44
N ILE A 62 -6.28 0.43 -5.70
CA ILE A 62 -5.20 1.19 -5.07
C ILE A 62 -4.49 2.08 -6.09
N VAL A 63 -4.15 3.31 -5.68
CA VAL A 63 -3.36 4.20 -6.51
C VAL A 63 -1.95 3.63 -6.68
N GLY A 64 -1.47 3.59 -7.92
CA GLY A 64 -0.08 3.23 -8.11
C GLY A 64 0.25 1.79 -7.79
N ALA A 65 -0.73 0.90 -7.76
CA ALA A 65 -0.46 -0.49 -7.45
C ALA A 65 -1.58 -1.37 -7.96
N THR A 66 -1.29 -2.66 -8.06
CA THR A 66 -2.30 -3.63 -8.47
C THR A 66 -3.01 -4.20 -7.25
N GLY A 67 -4.14 -4.83 -7.50
CA GLY A 67 -4.87 -5.50 -6.45
C GLY A 67 -5.93 -4.62 -5.83
N PHE A 68 -6.53 -5.15 -4.78
CA PHE A 68 -7.52 -4.40 -4.01
C PHE A 68 -7.15 -4.33 -2.54
N VAL A 69 -7.60 -3.27 -1.89
CA VAL A 69 -7.69 -3.24 -0.43
CA VAL A 69 -7.69 -3.24 -0.44
CA VAL A 69 -7.68 -3.26 -0.44
C VAL A 69 -9.08 -3.74 -0.05
N VAL A 70 -9.14 -4.69 0.86
CA VAL A 70 -10.41 -5.30 1.17
C VAL A 70 -10.63 -5.36 2.67
N GLY A 71 -11.89 -5.37 3.06
CA GLY A 71 -12.23 -5.56 4.45
C GLY A 71 -12.53 -7.02 4.74
N LEU A 72 -11.72 -7.62 5.60
CA LEU A 72 -11.99 -8.93 6.17
C LEU A 72 -12.35 -8.76 7.64
N LYS A 73 -13.06 -9.74 8.18
CA LYS A 73 -13.40 -9.65 9.60
C LYS A 73 -12.16 -9.49 10.46
N THR A 74 -11.03 -10.04 10.01
CA THR A 74 -9.79 -10.02 10.76
C THR A 74 -8.97 -8.77 10.51
N GLY A 75 -9.44 -7.85 9.67
CA GLY A 75 -8.70 -6.62 9.43
C GLY A 75 -8.67 -6.21 7.98
N ILE A 76 -8.05 -5.07 7.71
CA ILE A 76 -7.92 -4.59 6.34
C ILE A 76 -6.76 -5.31 5.68
N HIS A 77 -7.02 -5.95 4.53
CA HIS A 77 -6.04 -6.76 3.83
C HIS A 77 -5.83 -6.23 2.41
N ARG A 78 -4.70 -6.60 1.82
CA ARG A 78 -4.50 -6.51 0.38
C ARG A 78 -4.90 -7.84 -0.27
N PHE A 79 -5.58 -7.76 -1.42
CA PHE A 79 -5.96 -8.94 -2.18
C PHE A 79 -5.41 -8.87 -3.60
N HIS A 80 -4.82 -9.98 -4.05
CA HIS A 80 -4.45 -10.19 -5.45
C HIS A 80 -4.97 -11.58 -5.82
N PRO A 81 -5.67 -11.73 -6.94
CA PRO A 81 -6.10 -13.07 -7.36
C PRO A 81 -4.98 -14.10 -7.36
N ALA A 82 -3.77 -13.71 -7.74
CA ALA A 82 -2.70 -14.70 -7.86
C ALA A 82 -2.15 -15.13 -6.52
N THR A 83 -2.08 -14.22 -5.53
CA THR A 83 -1.38 -14.47 -4.29
C THR A 83 -2.27 -14.47 -3.04
N GLY A 84 -3.54 -14.16 -3.18
CA GLY A 84 -4.42 -14.21 -2.03
C GLY A 84 -4.40 -12.96 -1.16
N PHE A 85 -4.47 -13.16 0.15
CA PHE A 85 -4.73 -12.07 1.09
C PHE A 85 -3.55 -11.84 2.02
N SER A 86 -3.24 -10.57 2.25
CA SER A 86 -2.14 -10.18 3.12
C SER A 86 -2.62 -9.05 4.02
N LEU A 87 -2.35 -9.17 5.31
CA LEU A 87 -2.86 -8.20 6.28
C LEU A 87 -2.17 -6.85 6.11
N LEU A 88 -2.97 -5.79 5.97
CA LEU A 88 -2.42 -4.45 6.00
C LEU A 88 -2.52 -3.84 7.39
N LEU A 89 -3.68 -3.93 8.01
CA LEU A 89 -3.88 -3.25 9.27
C LEU A 89 -5.08 -3.85 9.99
N GLU A 90 -4.91 -4.07 11.29
CA GLU A 90 -6.00 -4.45 12.17
C GLU A 90 -6.53 -3.15 12.78
N VAL A 91 -7.82 -2.87 12.59
CA VAL A 91 -8.37 -1.58 12.98
CA VAL A 91 -8.35 -1.58 13.00
C VAL A 91 -9.11 -1.62 14.32
N GLU A 92 -9.54 -2.79 14.77
CA GLU A 92 -10.32 -2.92 15.99
C GLU A 92 -9.89 -4.16 16.76
N ASP A 93 -10.13 -4.11 18.06
CA ASP A 93 -9.91 -5.25 18.92
C ASP A 93 -10.86 -6.40 18.57
N ALA A 94 -10.29 -7.57 18.34
CA ALA A 94 -11.08 -8.72 17.93
C ALA A 94 -12.17 -9.08 18.93
N ALA A 95 -12.01 -8.70 20.21
CA ALA A 95 -12.96 -9.11 21.23
C ALA A 95 -14.35 -8.51 21.03
N LEU A 96 -14.46 -7.41 20.27
CA LEU A 96 -15.77 -6.82 20.00
C LEU A 96 -16.65 -7.72 19.15
N ASN A 97 -16.10 -8.73 18.48
CA ASN A 97 -16.84 -9.50 17.47
C ASN A 97 -17.41 -8.58 16.40
N ASN A 98 -16.64 -7.57 16.03
CA ASN A 98 -16.99 -6.68 14.94
C ASN A 98 -16.44 -7.22 13.61
N ARG A 99 -16.97 -6.66 12.52
CA ARG A 99 -16.38 -6.84 11.21
C ARG A 99 -16.53 -5.54 10.45
N PRO A 100 -15.68 -5.28 9.47
CA PRO A 100 -15.93 -4.17 8.55
C PRO A 100 -17.24 -4.40 7.81
N ASN A 101 -17.75 -3.33 7.21
CA ASN A 101 -18.91 -3.46 6.35
C ASN A 101 -18.69 -2.67 5.08
N ASP A 102 -19.38 -1.55 4.91
CA ASP A 102 -19.38 -0.83 3.65
C ASP A 102 -18.19 0.12 3.57
N ALA A 103 -17.89 0.55 2.35
CA ALA A 103 -16.76 1.45 2.13
C ALA A 103 -16.96 2.27 0.88
N THR A 104 -16.24 3.39 0.80
CA THR A 104 -16.17 4.20 -0.40
C THR A 104 -14.78 4.81 -0.48
N VAL A 105 -14.43 5.30 -1.66
CA VAL A 105 -13.17 6.02 -1.86
C VAL A 105 -13.52 7.42 -2.35
N ASP A 106 -13.04 8.44 -1.62
CA ASP A 106 -13.35 9.80 -2.04
C ASP A 106 -12.35 10.27 -3.08
N ALA A 107 -12.60 11.46 -3.63
CA ALA A 107 -11.81 11.95 -4.74
C ALA A 107 -10.36 12.27 -4.34
N GLN A 108 -10.04 12.32 -3.05
CA GLN A 108 -8.66 12.51 -2.61
C GLN A 108 -7.96 11.19 -2.36
N GLY A 109 -8.59 10.07 -2.69
CA GLY A 109 -7.99 8.78 -2.44
C GLY A 109 -8.12 8.26 -1.04
N ARG A 110 -9.01 8.84 -0.22
CA ARG A 110 -9.21 8.32 1.13
C ARG A 110 -10.25 7.19 1.11
N LEU A 111 -10.00 6.18 1.91
CA LEU A 111 -10.91 5.06 2.06
C LEU A 111 -11.73 5.29 3.32
N TRP A 112 -13.04 5.44 3.14
CA TRP A 112 -13.96 5.56 4.26
C TRP A 112 -14.66 4.21 4.39
N PHE A 113 -14.58 3.61 5.57
CA PHE A 113 -15.26 2.33 5.76
C PHE A 113 -15.82 2.26 7.15
N GLY A 114 -16.89 1.50 7.30
CA GLY A 114 -17.48 1.31 8.62
C GLY A 114 -17.24 -0.07 9.17
N THR A 115 -17.43 -0.23 10.47
CA THR A 115 -17.46 -1.53 11.11
C THR A 115 -18.81 -1.71 11.77
N MET A 116 -19.05 -2.93 12.25
CA MET A 116 -20.35 -3.30 12.77
C MET A 116 -20.19 -4.49 13.68
N HIS A 117 -21.14 -4.63 14.60
CA HIS A 117 -21.21 -5.87 15.36
C HIS A 117 -21.66 -6.98 14.43
N ASP A 118 -20.84 -8.02 14.28
CA ASP A 118 -21.22 -9.11 13.39
C ASP A 118 -22.51 -9.77 13.86
N GLY A 119 -22.76 -9.77 15.16
CA GLY A 119 -24.02 -10.23 15.72
C GLY A 119 -25.18 -9.28 15.56
N GLU A 120 -24.95 -8.08 15.03
CA GLU A 120 -26.02 -7.13 14.69
C GLU A 120 -26.88 -6.78 15.90
N GLU A 121 -26.24 -6.69 17.07
CA GLU A 121 -26.96 -6.38 18.30
C GLU A 121 -26.35 -5.19 19.05
N ASN A 122 -25.03 -5.17 19.19
CA ASN A 122 -24.35 -4.15 19.98
C ASN A 122 -24.09 -2.89 19.14
N ASN A 123 -24.09 -1.74 19.81
CA ASN A 123 -23.79 -0.47 19.14
C ASN A 123 -22.27 -0.22 19.14
N SER A 124 -21.52 -1.18 18.59
CA SER A 124 -20.06 -1.15 18.70
C SER A 124 -19.37 -0.70 17.41
N GLY A 125 -20.11 -0.43 16.34
CA GLY A 125 -19.48 -0.10 15.08
C GLY A 125 -19.06 1.35 14.99
N SER A 126 -18.12 1.62 14.09
CA SER A 126 -17.59 2.97 13.93
C SER A 126 -17.42 3.29 12.46
N LEU A 127 -17.19 4.57 12.17
CA LEU A 127 -16.79 5.02 10.85
C LEU A 127 -15.31 5.37 10.88
N TYR A 128 -14.57 4.95 9.85
CA TYR A 128 -13.13 5.17 9.78
C TYR A 128 -12.74 5.86 8.47
N ARG A 129 -11.69 6.66 8.54
CA ARG A 129 -11.09 7.28 7.37
C ARG A 129 -9.65 6.79 7.31
N MET A 130 -9.31 6.09 6.24
CA MET A 130 -7.97 5.52 6.06
C MET A 130 -7.30 6.19 4.88
N ASP A 131 -6.12 6.77 5.10
CA ASP A 131 -5.33 7.17 3.94
C ASP A 131 -3.86 7.14 4.35
N LEU A 132 -3.02 7.84 3.59
CA LEU A 132 -1.58 7.79 3.83
C LEU A 132 -1.18 8.53 5.11
N THR A 133 -2.09 9.28 5.74
CA THR A 133 -1.81 9.86 7.04
C THR A 133 -2.23 8.95 8.18
N GLY A 134 -2.81 7.79 7.87
CA GLY A 134 -3.21 6.82 8.87
C GLY A 134 -4.69 6.53 8.89
N VAL A 135 -5.17 5.93 9.97
CA VAL A 135 -6.58 5.59 10.11
C VAL A 135 -7.14 6.41 11.26
N ALA A 136 -8.22 7.13 10.98
CA ALA A 136 -8.89 7.95 11.98
C ALA A 136 -10.32 7.48 12.18
N ARG A 137 -10.73 7.40 13.44
CA ARG A 137 -12.11 7.10 13.79
C ARG A 137 -12.92 8.39 13.72
N MET A 138 -13.93 8.40 12.85
CA MET A 138 -14.69 9.61 12.50
C MET A 138 -16.07 9.67 13.12
N ASP A 139 -16.67 8.53 13.46
CA ASP A 139 -17.97 8.47 14.13
C ASP A 139 -18.01 7.13 14.85
N ARG A 140 -18.91 7.02 15.81
CA ARG A 140 -18.88 5.89 16.71
C ARG A 140 -20.28 5.54 17.19
N ASP A 141 -20.39 4.39 17.86
CA ASP A 141 -21.60 3.97 18.58
C ASP A 141 -22.74 3.65 17.63
N ILE A 142 -22.45 2.95 16.54
CA ILE A 142 -23.44 2.57 15.53
C ILE A 142 -23.48 1.06 15.42
N CYS A 143 -24.68 0.48 15.45
CA CYS A 143 -24.77 -0.98 15.36
C CYS A 143 -24.37 -1.47 13.98
N ILE A 144 -25.03 -0.94 12.94
CA ILE A 144 -24.74 -1.34 11.57
C ILE A 144 -24.50 -0.07 10.77
N THR A 145 -23.24 0.19 10.45
CA THR A 145 -22.91 1.29 9.57
C THR A 145 -23.16 0.88 8.13
N ASN A 146 -23.30 1.88 7.24
CA ASN A 146 -23.56 1.56 5.84
C ASN A 146 -23.38 2.80 4.99
N GLY A 147 -23.09 2.57 3.71
CA GLY A 147 -23.23 3.57 2.66
C GLY A 147 -22.47 4.88 2.80
N PRO A 148 -21.20 4.83 3.19
CA PRO A 148 -20.41 6.08 3.14
C PRO A 148 -20.29 6.52 1.69
N CYS A 149 -20.52 7.81 1.44
CA CYS A 149 -20.36 8.29 0.07
C CYS A 149 -20.25 9.80 0.08
N VAL A 150 -19.75 10.35 -1.04
CA VAL A 150 -19.44 11.77 -1.10
C VAL A 150 -20.03 12.34 -2.39
N SER A 151 -20.32 13.64 -2.34
CA SER A 151 -20.88 14.35 -3.46
C SER A 151 -19.82 14.65 -4.50
N PRO A 152 -20.22 14.88 -5.75
CA PRO A 152 -19.25 15.19 -6.80
C PRO A 152 -18.38 16.39 -6.48
N ASP A 153 -18.90 17.42 -5.80
CA ASP A 153 -18.07 18.56 -5.46
C ASP A 153 -17.19 18.30 -4.25
N GLY A 154 -17.35 17.14 -3.60
CA GLY A 154 -16.50 16.77 -2.49
C GLY A 154 -16.80 17.45 -1.18
N LYS A 155 -17.89 18.21 -1.08
CA LYS A 155 -18.14 19.00 0.12
C LYS A 155 -19.16 18.38 1.06
N THR A 156 -19.86 17.34 0.64
CA THR A 156 -20.87 16.67 1.47
C THR A 156 -20.57 15.19 1.54
N PHE A 157 -20.65 14.64 2.75
CA PHE A 157 -20.43 13.23 3.03
C PHE A 157 -21.70 12.65 3.65
N TYR A 158 -22.10 11.46 3.18
CA TYR A 158 -23.27 10.77 3.72
C TYR A 158 -22.84 9.48 4.39
N HIS A 159 -23.56 9.15 5.46
CA HIS A 159 -23.33 7.91 6.19
C HIS A 159 -24.65 7.44 6.80
N THR A 160 -24.84 6.13 6.85
CA THR A 160 -26.12 5.54 7.21
C THR A 160 -25.98 4.75 8.50
N ASP A 161 -26.95 4.94 9.41
CA ASP A 161 -27.10 4.05 10.57
C ASP A 161 -28.31 3.20 10.22
N THR A 162 -28.07 1.95 9.84
CA THR A 162 -29.11 1.17 9.19
C THR A 162 -30.28 0.88 10.14
N LEU A 163 -29.97 0.44 11.37
CA LEU A 163 -31.05 0.03 12.25
C LEU A 163 -31.86 1.22 12.78
N GLU A 164 -31.26 2.41 12.83
CA GLU A 164 -31.99 3.64 13.12
C GLU A 164 -32.72 4.19 11.90
N LYS A 165 -32.61 3.55 10.75
CA LYS A 165 -33.31 3.96 9.54
C LYS A 165 -32.99 5.41 9.16
N THR A 166 -31.74 5.82 9.38
CA THR A 166 -31.36 7.22 9.17
C THR A 166 -30.08 7.34 8.36
N ILE A 167 -30.12 8.17 7.32
CA ILE A 167 -28.94 8.62 6.61
C ILE A 167 -28.59 10.01 7.12
N TYR A 168 -27.34 10.20 7.54
CA TYR A 168 -26.87 11.50 7.96
C TYR A 168 -26.07 12.15 6.84
N ALA A 169 -26.07 13.48 6.83
CA ALA A 169 -25.21 14.25 5.96
C ALA A 169 -24.22 15.03 6.81
N PHE A 170 -23.03 15.21 6.26
CA PHE A 170 -21.97 15.98 6.90
C PHE A 170 -21.35 16.94 5.91
N ASP A 171 -20.79 18.02 6.43
CA ASP A 171 -19.86 18.86 5.69
C ASP A 171 -18.50 18.15 5.67
N LEU A 172 -17.93 18.00 4.49
CA LEU A 172 -16.62 17.38 4.33
C LEU A 172 -15.63 18.44 3.92
N ALA A 173 -14.63 18.67 4.77
CA ALA A 173 -13.61 19.67 4.50
C ALA A 173 -12.52 19.10 3.61
N GLU A 174 -11.76 20.00 2.96
CA GLU A 174 -10.69 19.56 2.07
C GLU A 174 -9.66 18.71 2.79
N ASP A 175 -9.42 18.97 4.07
CA ASP A 175 -8.45 18.17 4.83
C ASP A 175 -9.06 16.90 5.40
N GLY A 176 -10.28 16.54 4.98
CA GLY A 176 -10.88 15.27 5.35
C GLY A 176 -11.66 15.25 6.65
N LEU A 177 -11.83 16.39 7.32
CA LEU A 177 -12.59 16.44 8.55
C LEU A 177 -14.08 16.60 8.25
N LEU A 178 -14.89 16.04 9.14
CA LEU A 178 -16.35 16.13 9.08
C LEU A 178 -16.86 17.13 10.12
N SER A 179 -17.93 17.83 9.77
CA SER A 179 -18.57 18.79 10.66
C SER A 179 -20.04 18.86 10.27
N ASN A 180 -20.85 19.47 11.16
CA ASN A 180 -22.22 19.84 10.80
C ASN A 180 -23.05 18.61 10.42
N LYS A 181 -22.96 17.58 11.24
CA LYS A 181 -23.80 16.40 11.07
C LYS A 181 -25.27 16.78 11.23
N ARG A 182 -26.10 16.28 10.31
CA ARG A 182 -27.54 16.50 10.39
C ARG A 182 -28.25 15.31 9.77
N VAL A 183 -29.52 15.14 10.15
CA VAL A 183 -30.35 14.14 9.50
C VAL A 183 -30.53 14.53 8.04
N PHE A 184 -30.24 13.60 7.15
CA PHE A 184 -30.53 13.78 5.73
C PHE A 184 -31.84 13.12 5.33
N VAL A 185 -32.00 11.82 5.62
CA VAL A 185 -33.23 11.09 5.34
C VAL A 185 -33.49 10.12 6.47
N GLN A 186 -34.72 10.10 6.96
CA GLN A 186 -35.17 9.08 7.90
C GLN A 186 -36.24 8.27 7.19
N PHE A 187 -36.10 6.96 7.23
CA PHE A 187 -36.96 6.09 6.43
C PHE A 187 -38.23 5.70 7.18
N ALA A 188 -39.35 5.87 6.50
CA ALA A 188 -40.68 5.47 6.95
C ALA A 188 -41.40 4.89 5.75
N LEU A 189 -40.76 3.90 5.13
CA LEU A 189 -41.28 3.18 3.97
C LEU A 189 -41.83 1.82 4.33
N GLY A 190 -42.05 1.54 5.60
CA GLY A 190 -42.50 0.23 6.03
C GLY A 190 -41.85 -0.19 7.33
N ASP A 191 -42.55 -1.05 8.07
CA ASP A 191 -42.05 -1.46 9.37
C ASP A 191 -40.69 -2.13 9.25
N ASP A 192 -40.49 -2.95 8.22
CA ASP A 192 -39.26 -3.73 8.08
C ASP A 192 -38.42 -3.31 6.88
N VAL A 193 -38.50 -2.03 6.49
CA VAL A 193 -37.69 -1.51 5.40
C VAL A 193 -36.58 -0.66 6.02
N TYR A 194 -35.33 -0.98 5.71
CA TYR A 194 -34.16 -0.32 6.27
C TYR A 194 -33.25 0.11 5.14
N PRO A 195 -32.59 1.26 5.28
CA PRO A 195 -31.59 1.65 4.28
C PRO A 195 -30.32 0.83 4.46
N ASP A 196 -29.86 0.24 3.35
CA ASP A 196 -28.60 -0.50 3.31
C ASP A 196 -27.54 0.42 2.74
N GLY A 197 -26.94 0.03 1.59
CA GLY A 197 -25.87 0.82 1.03
C GLY A 197 -26.34 1.90 0.07
N SER A 198 -25.53 2.95 -0.06
CA SER A 198 -25.85 4.08 -0.92
C SER A 198 -24.64 4.46 -1.75
N VAL A 199 -24.91 5.11 -2.89
CA VAL A 199 -23.90 5.80 -3.68
C VAL A 199 -24.49 7.14 -4.09
N VAL A 200 -23.62 8.07 -4.49
CA VAL A 200 -24.04 9.39 -4.99
C VAL A 200 -23.71 9.45 -6.47
N ASP A 201 -24.66 9.95 -7.28
CA ASP A 201 -24.45 9.99 -8.72
C ASP A 201 -23.83 11.32 -9.15
N SER A 202 -23.64 11.48 -10.47
CA SER A 202 -22.90 12.64 -10.97
C SER A 202 -23.64 13.95 -10.77
N GLU A 203 -24.93 13.91 -10.48
CA GLU A 203 -25.68 15.11 -10.16
C GLU A 203 -25.79 15.36 -8.67
N GLY A 204 -25.17 14.52 -7.84
CA GLY A 204 -25.28 14.67 -6.41
C GLY A 204 -26.49 14.01 -5.78
N TYR A 205 -27.25 13.24 -6.54
CA TYR A 205 -28.39 12.52 -6.00
C TYR A 205 -27.92 11.22 -5.36
N LEU A 206 -28.56 10.87 -4.26
CA LEU A 206 -28.25 9.66 -3.51
C LEU A 206 -29.16 8.52 -3.98
N TRP A 207 -28.55 7.38 -4.32
CA TRP A 207 -29.28 6.13 -4.54
C TRP A 207 -29.09 5.23 -3.34
N THR A 208 -30.20 4.79 -2.73
CA THR A 208 -30.16 3.97 -1.52
C THR A 208 -30.87 2.65 -1.78
N ALA A 209 -30.16 1.55 -1.54
CA ALA A 209 -30.76 0.22 -1.60
C ALA A 209 -31.54 -0.08 -0.33
N LEU A 210 -32.67 -0.77 -0.47
CA LEU A 210 -33.56 -1.02 0.65
C LEU A 210 -33.49 -2.48 1.09
N TRP A 211 -33.08 -2.70 2.33
CA TRP A 211 -33.29 -4.00 2.96
C TRP A 211 -34.77 -4.15 3.32
N GLY A 212 -35.39 -5.23 2.84
CA GLY A 212 -36.82 -5.43 3.00
C GLY A 212 -37.70 -4.57 2.12
N GLY A 213 -37.11 -3.77 1.24
CA GLY A 213 -37.87 -2.81 0.46
C GLY A 213 -37.94 -3.09 -1.02
N PHE A 214 -37.37 -4.22 -1.46
CA PHE A 214 -37.54 -4.69 -2.83
C PHE A 214 -37.03 -3.71 -3.87
N GLY A 215 -35.98 -2.95 -3.56
CA GLY A 215 -35.52 -2.04 -4.61
C GLY A 215 -34.65 -0.94 -4.03
N ALA A 216 -34.67 0.20 -4.72
CA ALA A 216 -33.79 1.32 -4.39
C ALA A 216 -34.48 2.63 -4.71
N VAL A 217 -34.12 3.66 -3.95
CA VAL A 217 -34.71 4.99 -4.05
C VAL A 217 -33.63 6.01 -4.38
N ARG A 218 -33.93 6.92 -5.31
CA ARG A 218 -33.05 8.03 -5.65
C ARG A 218 -33.53 9.30 -4.94
N PHE A 219 -32.63 9.92 -4.18
CA PHE A 219 -32.94 11.13 -3.42
C PHE A 219 -32.21 12.35 -3.98
N SER A 220 -32.91 13.48 -4.05
CA SER A 220 -32.29 14.75 -4.38
C SER A 220 -31.32 15.18 -3.28
N PRO A 221 -30.40 16.11 -3.60
CA PRO A 221 -29.51 16.62 -2.55
C PRO A 221 -30.25 17.30 -1.42
N GLN A 222 -31.50 17.69 -1.62
CA GLN A 222 -32.30 18.21 -0.53
C GLN A 222 -33.01 17.12 0.25
N GLY A 223 -32.89 15.87 -0.18
CA GLY A 223 -33.38 14.75 0.58
C GLY A 223 -34.76 14.24 0.24
N ASP A 224 -35.31 14.61 -0.90
CA ASP A 224 -36.63 14.16 -1.33
C ASP A 224 -36.48 13.05 -2.36
N ALA A 225 -37.27 11.98 -2.19
CA ALA A 225 -37.27 10.86 -3.13
C ALA A 225 -37.80 11.33 -4.48
N VAL A 226 -37.09 11.03 -5.55
CA VAL A 226 -37.55 11.38 -6.89
C VAL A 226 -37.83 10.16 -7.75
N THR A 227 -37.32 8.98 -7.41
CA THR A 227 -37.70 7.80 -8.14
CA THR A 227 -37.51 7.79 -8.21
C THR A 227 -37.35 6.57 -7.32
N ARG A 228 -38.05 5.49 -7.64
CA ARG A 228 -37.87 4.24 -6.91
C ARG A 228 -37.86 3.11 -7.92
N ILE A 229 -36.84 2.25 -7.83
CA ILE A 229 -36.68 1.08 -8.70
C ILE A 229 -37.11 -0.16 -7.94
N GLU A 230 -37.92 -1.00 -8.58
CA GLU A 230 -38.39 -2.25 -7.99
C GLU A 230 -37.59 -3.42 -8.54
N LEU A 231 -37.18 -4.33 -7.65
CA LEU A 231 -36.49 -5.56 -8.02
C LEU A 231 -37.24 -6.73 -7.42
N PRO A 232 -37.23 -7.90 -8.11
CA PRO A 232 -37.87 -9.13 -7.58
C PRO A 232 -37.04 -9.81 -6.50
N ALA A 233 -36.64 -9.03 -5.49
CA ALA A 233 -35.76 -9.50 -4.42
C ALA A 233 -36.02 -8.66 -3.19
N PRO A 234 -36.42 -9.27 -2.07
CA PRO A 234 -36.81 -8.45 -0.90
C PRO A 234 -35.70 -7.59 -0.35
N ASN A 235 -34.47 -8.12 -0.31
CA ASN A 235 -33.33 -7.46 0.33
C ASN A 235 -32.37 -7.01 -0.75
N VAL A 236 -32.27 -5.69 -0.95
CA VAL A 236 -31.34 -5.11 -1.90
C VAL A 236 -30.28 -4.39 -1.09
N THR A 237 -28.99 -4.63 -1.40
CA THR A 237 -27.91 -4.21 -0.51
C THR A 237 -27.12 -3.00 -0.98
N LYS A 238 -26.86 -2.85 -2.28
CA LYS A 238 -26.09 -1.68 -2.69
C LYS A 238 -26.21 -1.43 -4.17
N PRO A 239 -26.27 -0.17 -4.60
CA PRO A 239 -26.17 0.16 -6.02
C PRO A 239 -24.72 0.39 -6.43
N CYS A 240 -24.49 0.31 -7.74
CA CYS A 240 -23.16 0.55 -8.29
C CYS A 240 -23.30 0.94 -9.75
N PHE A 241 -22.79 2.12 -10.10
CA PHE A 241 -22.87 2.56 -11.49
C PHE A 241 -21.78 1.93 -12.34
N GLY A 242 -22.17 1.38 -13.47
CA GLY A 242 -21.21 0.80 -14.39
C GLY A 242 -21.60 1.01 -15.84
N GLY A 243 -21.00 0.23 -16.74
CA GLY A 243 -21.22 0.40 -18.14
C GLY A 243 -20.33 1.47 -18.74
N PRO A 244 -20.32 1.55 -20.07
CA PRO A 244 -19.38 2.46 -20.75
C PRO A 244 -19.58 3.92 -20.39
N ASP A 245 -20.81 4.32 -20.07
CA ASP A 245 -21.12 5.70 -19.72
C ASP A 245 -21.49 5.88 -18.26
N LEU A 246 -21.26 4.86 -17.42
CA LEU A 246 -21.68 4.89 -16.01
C LEU A 246 -23.18 5.14 -15.87
N LYS A 247 -23.95 4.69 -16.86
CA LYS A 247 -25.41 4.83 -16.84
C LYS A 247 -26.12 3.49 -16.72
N THR A 248 -25.40 2.43 -16.37
CA THR A 248 -25.98 1.14 -16.04
C THR A 248 -25.89 0.96 -14.53
N LEU A 249 -27.03 0.88 -13.85
CA LEU A 249 -27.03 0.78 -12.40
C LEU A 249 -27.14 -0.69 -12.02
N TYR A 250 -26.11 -1.21 -11.36
CA TYR A 250 -26.10 -2.59 -10.90
C TYR A 250 -26.54 -2.64 -9.44
N PHE A 251 -27.10 -3.77 -9.03
CA PHE A 251 -27.51 -3.95 -7.64
C PHE A 251 -27.08 -5.31 -7.16
N THR A 252 -26.50 -5.37 -5.97
CA THR A 252 -26.35 -6.63 -5.27
C THR A 252 -27.56 -6.85 -4.35
N THR A 253 -27.84 -8.11 -4.05
CA THR A 253 -28.99 -8.46 -3.21
C THR A 253 -28.58 -9.60 -2.31
N ALA A 254 -29.48 -9.96 -1.38
CA ALA A 254 -29.15 -10.91 -0.32
C ALA A 254 -30.30 -11.86 -0.05
N ARG A 255 -29.96 -13.14 0.16
CA ARG A 255 -30.93 -14.12 0.63
C ARG A 255 -30.97 -14.22 2.15
N LYS A 256 -29.92 -13.74 2.83
CA LYS A 256 -29.89 -13.71 4.29
C LYS A 256 -31.16 -13.11 4.87
N GLY A 257 -31.70 -13.78 5.88
CA GLY A 257 -32.85 -13.28 6.60
C GLY A 257 -34.18 -13.70 6.02
N LEU A 258 -34.21 -14.37 4.87
CA LEU A 258 -35.46 -14.72 4.22
C LEU A 258 -35.79 -16.19 4.44
N SER A 259 -37.05 -16.46 4.75
CA SER A 259 -37.52 -17.82 4.97
C SER A 259 -37.46 -18.62 3.67
N ASP A 260 -37.52 -19.95 3.79
CA ASP A 260 -37.55 -20.80 2.61
C ASP A 260 -38.74 -20.48 1.71
N GLU A 261 -39.89 -20.17 2.33
CA GLU A 261 -41.07 -19.84 1.54
C GLU A 261 -40.87 -18.54 0.77
N THR A 262 -40.28 -17.53 1.39
CA THR A 262 -40.00 -16.29 0.68
C THR A 262 -39.00 -16.49 -0.45
N LEU A 263 -37.98 -17.33 -0.21
CA LEU A 263 -37.00 -17.60 -1.25
C LEU A 263 -37.62 -18.36 -2.41
N ALA A 264 -38.59 -19.24 -2.14
CA ALA A 264 -39.31 -19.91 -3.22
C ALA A 264 -40.12 -18.91 -4.03
N GLN A 265 -40.70 -17.92 -3.35
CA GLN A 265 -41.51 -16.89 -4.01
C GLN A 265 -40.64 -15.93 -4.82
N TYR A 266 -39.44 -15.62 -4.32
CA TYR A 266 -38.53 -14.68 -4.96
C TYR A 266 -37.20 -15.40 -5.17
N PRO A 267 -37.16 -16.36 -6.10
CA PRO A 267 -35.97 -17.19 -6.25
C PRO A 267 -34.76 -16.44 -6.76
N LEU A 268 -34.95 -15.27 -7.36
CA LEU A 268 -33.78 -14.53 -7.82
C LEU A 268 -33.12 -13.74 -6.69
N ALA A 269 -33.68 -13.79 -5.48
CA ALA A 269 -33.02 -13.18 -4.33
C ALA A 269 -31.56 -13.61 -4.28
N GLY A 270 -30.68 -12.64 -4.00
CA GLY A 270 -29.24 -12.88 -4.02
C GLY A 270 -28.59 -12.70 -5.37
N GLY A 271 -29.35 -12.36 -6.40
CA GLY A 271 -28.80 -12.17 -7.71
C GLY A 271 -28.29 -10.76 -7.94
N VAL A 272 -27.61 -10.61 -9.07
CA VAL A 272 -27.11 -9.32 -9.52
C VAL A 272 -28.05 -8.79 -10.59
N PHE A 273 -28.51 -7.57 -10.40
CA PHE A 273 -29.48 -6.95 -11.29
C PHE A 273 -28.86 -5.72 -11.92
N ALA A 274 -29.40 -5.34 -13.07
CA ALA A 274 -28.89 -4.21 -13.82
C ALA A 274 -30.06 -3.48 -14.46
N VAL A 275 -29.98 -2.16 -14.51
CA VAL A 275 -31.01 -1.36 -15.16
C VAL A 275 -30.39 -0.07 -15.69
N PRO A 276 -30.73 0.32 -16.91
CA PRO A 276 -30.28 1.62 -17.43
C PRO A 276 -30.99 2.77 -16.72
N VAL A 277 -30.24 3.84 -16.45
CA VAL A 277 -30.76 5.03 -15.81
C VAL A 277 -30.32 6.24 -16.62
N ASP A 278 -30.93 7.38 -16.32
CA ASP A 278 -30.73 8.55 -17.18
C ASP A 278 -29.52 9.38 -16.77
N VAL A 279 -29.13 9.35 -15.50
CA VAL A 279 -28.05 10.19 -15.00
C VAL A 279 -26.88 9.31 -14.60
N ALA A 280 -25.69 9.66 -15.08
CA ALA A 280 -24.50 8.83 -14.88
C ALA A 280 -24.04 8.88 -13.42
N GLY A 281 -23.36 7.81 -13.01
CA GLY A 281 -22.73 7.80 -11.71
C GLY A 281 -21.38 8.52 -11.71
N GLN A 282 -20.73 8.46 -10.56
CA GLN A 282 -19.38 9.02 -10.45
C GLN A 282 -18.34 7.94 -10.72
N PRO A 283 -17.22 8.31 -11.32
CA PRO A 283 -16.15 7.33 -11.54
C PRO A 283 -15.57 6.83 -10.23
N GLN A 284 -15.26 5.53 -10.19
CA GLN A 284 -14.60 4.94 -9.04
C GLN A 284 -13.25 5.59 -8.81
N HIS A 285 -12.95 5.89 -7.55
CA HIS A 285 -11.65 6.41 -7.16
C HIS A 285 -10.78 5.32 -6.56
N GLU A 286 -9.46 5.55 -6.57
CA GLU A 286 -8.48 4.60 -6.05
C GLU A 286 -7.89 5.12 -4.74
N VAL A 287 -7.58 4.19 -3.83
CA VAL A 287 -7.06 4.53 -2.51
C VAL A 287 -5.60 4.91 -2.62
N ARG A 288 -5.21 6.00 -1.97
CA ARG A 288 -3.81 6.43 -1.92
C ARG A 288 -3.28 5.87 -0.60
N LEU A 289 -2.69 4.68 -0.66
CA LEU A 289 -2.16 4.01 0.52
C LEU A 289 -0.75 4.42 0.90
N VAL A 290 0.03 4.91 -0.06
CA VAL A 290 1.36 5.37 0.24
C VAL A 290 1.67 6.57 -0.63
N ALA B 2 2.25 -4.24 -14.20
CA ALA B 2 3.57 -4.72 -14.60
C ALA B 2 3.48 -5.61 -15.83
N THR B 3 4.64 -6.08 -16.30
CA THR B 3 4.69 -7.05 -17.38
C THR B 3 5.45 -8.31 -17.00
N ALA B 4 5.98 -8.41 -15.78
CA ALA B 4 6.72 -9.59 -15.38
C ALA B 4 6.76 -9.67 -13.85
N GLN B 5 6.91 -10.89 -13.36
CA GLN B 5 7.08 -11.15 -11.94
C GLN B 5 8.56 -11.17 -11.59
N VAL B 6 8.87 -10.74 -10.36
CA VAL B 6 10.25 -10.83 -9.91
C VAL B 6 10.63 -12.30 -9.82
N THR B 7 11.89 -12.59 -10.15
CA THR B 7 12.45 -13.91 -10.02
C THR B 7 13.61 -13.88 -9.03
N CYS B 8 13.76 -14.95 -8.25
CA CYS B 8 14.89 -15.11 -7.34
C CYS B 8 16.09 -15.67 -8.09
N VAL B 9 17.11 -14.82 -8.30
CA VAL B 9 18.32 -15.24 -9.01
C VAL B 9 19.35 -15.88 -8.08
N TRP B 10 19.17 -15.77 -6.76
CA TRP B 10 20.09 -16.40 -5.82
C TRP B 10 19.32 -16.65 -4.52
N ASP B 11 18.95 -17.90 -4.29
CA ASP B 11 18.21 -18.31 -3.09
C ASP B 11 19.16 -18.38 -1.90
N LEU B 12 19.72 -17.22 -1.57
CA LEU B 12 20.80 -17.11 -0.61
C LEU B 12 20.32 -17.24 0.83
N LYS B 13 19.06 -16.90 1.09
CA LYS B 13 18.49 -16.94 2.43
C LYS B 13 19.32 -16.07 3.39
N ALA B 14 19.70 -14.89 2.92
CA ALA B 14 20.45 -13.97 3.76
C ALA B 14 19.63 -13.55 4.97
N THR B 15 20.32 -13.40 6.12
CA THR B 15 19.65 -12.87 7.30
C THR B 15 19.28 -11.41 7.08
N LEU B 16 20.21 -10.62 6.55
CA LEU B 16 20.00 -9.21 6.36
C LEU B 16 20.78 -8.79 5.11
N GLY B 17 20.29 -9.25 3.96
CA GLY B 17 20.85 -8.77 2.70
C GLY B 17 20.63 -7.28 2.55
N GLU B 18 21.66 -6.58 2.09
CA GLU B 18 21.65 -5.12 2.07
C GLU B 18 22.71 -4.63 1.09
N GLY B 19 22.67 -3.32 0.85
CA GLY B 19 23.74 -2.60 0.17
C GLY B 19 24.14 -3.06 -1.23
N PRO B 20 23.18 -3.44 -2.08
CA PRO B 20 23.54 -3.86 -3.44
C PRO B 20 24.06 -2.70 -4.27
N ILE B 21 25.10 -2.97 -5.05
CA ILE B 21 25.59 -2.06 -6.07
C ILE B 21 25.88 -2.87 -7.33
N TRP B 22 25.86 -2.18 -8.46
CA TRP B 22 26.22 -2.74 -9.75
C TRP B 22 27.56 -2.15 -10.16
N HIS B 23 28.58 -3.01 -10.23
CA HIS B 23 29.92 -2.51 -10.52
C HIS B 23 30.72 -3.58 -11.25
N GLY B 24 31.45 -3.16 -12.28
CA GLY B 24 32.20 -4.13 -13.08
C GLY B 24 31.34 -5.23 -13.68
N ASP B 25 30.10 -4.91 -14.05
CA ASP B 25 29.15 -5.85 -14.67
C ASP B 25 28.76 -6.97 -13.72
N THR B 26 28.84 -6.76 -12.42
CA THR B 26 28.37 -7.77 -11.50
C THR B 26 27.68 -7.09 -10.33
N LEU B 27 26.97 -7.89 -9.55
CA LEU B 27 26.20 -7.42 -8.41
C LEU B 27 27.00 -7.69 -7.14
N TRP B 28 27.31 -6.64 -6.38
CA TRP B 28 27.96 -6.78 -5.09
C TRP B 28 26.95 -6.41 -4.01
N PHE B 29 26.94 -7.13 -2.91
CA PHE B 29 26.06 -6.77 -1.81
C PHE B 29 26.57 -7.41 -0.53
N VAL B 30 25.85 -7.18 0.56
CA VAL B 30 26.26 -7.66 1.87
C VAL B 30 25.13 -8.45 2.51
N ASP B 31 25.50 -9.30 3.45
CA ASP B 31 24.59 -9.81 4.49
C ASP B 31 25.16 -9.25 5.79
N ILE B 32 24.51 -8.22 6.32
CA ILE B 32 25.05 -7.49 7.46
C ILE B 32 25.27 -8.43 8.63
N LYS B 33 24.23 -9.21 8.97
CA LYS B 33 24.25 -9.98 10.21
C LYS B 33 25.05 -11.27 10.07
N GLN B 34 25.14 -11.84 8.87
CA GLN B 34 26.05 -12.96 8.67
C GLN B 34 27.48 -12.51 8.39
N ARG B 35 27.74 -11.20 8.31
CA ARG B 35 29.10 -10.68 8.18
C ARG B 35 29.76 -11.16 6.88
N LYS B 36 29.10 -10.92 5.76
CA LYS B 36 29.57 -11.41 4.48
C LYS B 36 29.41 -10.35 3.40
N ILE B 37 30.39 -10.29 2.50
CA ILE B 37 30.25 -9.60 1.23
C ILE B 37 29.96 -10.66 0.17
N HIS B 38 28.96 -10.40 -0.67
CA HIS B 38 28.58 -11.33 -1.72
C HIS B 38 28.73 -10.67 -3.08
N ASN B 39 28.99 -11.49 -4.10
CA ASN B 39 29.18 -11.00 -5.46
C ASN B 39 28.51 -12.01 -6.39
N TYR B 40 27.63 -11.52 -7.26
CA TYR B 40 26.92 -12.37 -8.21
C TYR B 40 27.20 -11.87 -9.62
N HIS B 41 27.60 -12.78 -10.50
CA HIS B 41 27.86 -12.48 -11.91
C HIS B 41 26.71 -13.01 -12.75
N PRO B 42 25.77 -12.17 -13.20
CA PRO B 42 24.65 -12.69 -14.00
C PRO B 42 25.09 -13.28 -15.33
N ALA B 43 26.20 -12.82 -15.89
CA ALA B 43 26.59 -13.30 -17.22
C ALA B 43 26.96 -14.77 -17.19
N THR B 44 27.44 -15.28 -16.05
CA THR B 44 27.90 -16.65 -15.94
C THR B 44 27.21 -17.44 -14.84
N GLY B 45 26.56 -16.78 -13.89
CA GLY B 45 26.05 -17.44 -12.72
C GLY B 45 27.04 -17.65 -11.61
N GLU B 46 28.29 -17.21 -11.76
CA GLU B 46 29.28 -17.39 -10.70
C GLU B 46 28.89 -16.57 -9.48
N ARG B 47 29.08 -17.17 -8.31
CA ARG B 47 28.77 -16.55 -7.01
C ARG B 47 30.02 -16.60 -6.15
N PHE B 48 30.26 -15.52 -5.40
CA PHE B 48 31.41 -15.43 -4.51
C PHE B 48 30.97 -14.83 -3.19
N SER B 49 31.67 -15.22 -2.12
CA SER B 49 31.38 -14.70 -0.78
C SER B 49 32.68 -14.48 -0.03
N PHE B 50 32.71 -13.42 0.79
CA PHE B 50 33.87 -13.07 1.60
C PHE B 50 33.41 -12.88 3.04
N ASP B 51 34.12 -13.50 3.99
CA ASP B 51 33.83 -13.30 5.41
C ASP B 51 34.40 -11.98 5.91
N ALA B 52 33.60 -11.25 6.66
CA ALA B 52 34.04 -9.99 7.25
C ALA B 52 34.32 -10.17 8.75
N PRO B 53 35.24 -9.39 9.33
CA PRO B 53 35.52 -9.56 10.76
C PRO B 53 34.46 -8.99 11.68
N ASP B 54 33.50 -8.23 11.15
CA ASP B 54 32.36 -7.74 11.92
C ASP B 54 31.22 -7.52 10.93
N GLN B 55 30.08 -7.05 11.43
CA GLN B 55 28.98 -6.71 10.55
C GLN B 55 29.49 -5.76 9.46
N VAL B 56 29.11 -6.05 8.22
CA VAL B 56 29.50 -5.25 7.07
C VAL B 56 28.22 -4.76 6.40
N THR B 57 28.16 -3.45 6.10
CA THR B 57 26.88 -2.80 5.87
C THR B 57 26.73 -2.07 4.55
N PHE B 58 27.82 -1.63 3.93
CA PHE B 58 27.74 -0.99 2.62
C PHE B 58 29.06 -1.21 1.88
N LEU B 59 29.01 -1.03 0.56
CA LEU B 59 30.17 -1.16 -0.32
C LEU B 59 30.16 0.01 -1.28
N ALA B 60 31.33 0.58 -1.52
CA ALA B 60 31.42 1.68 -2.47
C ALA B 60 32.76 1.56 -3.16
N PRO B 61 32.79 1.41 -4.48
CA PRO B 61 34.08 1.22 -5.16
C PRO B 61 34.88 2.51 -5.23
N ILE B 62 36.21 2.36 -5.20
CA ILE B 62 37.14 3.48 -5.16
C ILE B 62 37.71 3.69 -6.55
N VAL B 63 37.88 4.96 -6.92
CA VAL B 63 38.50 5.28 -8.19
C VAL B 63 39.87 4.62 -8.26
N GLY B 64 40.23 4.13 -9.44
CA GLY B 64 41.51 3.48 -9.67
C GLY B 64 41.62 2.05 -9.20
N ALA B 65 40.49 1.39 -8.97
CA ALA B 65 40.48 -0.04 -8.63
C ALA B 65 41.28 -0.37 -7.38
N THR B 66 41.31 0.53 -6.41
CA THR B 66 42.05 0.28 -5.17
C THR B 66 41.19 -0.38 -4.10
N GLY B 67 40.07 -0.99 -4.47
CA GLY B 67 39.19 -1.64 -3.52
C GLY B 67 37.86 -0.94 -3.32
N PHE B 68 37.20 -1.30 -2.23
CA PHE B 68 35.93 -0.71 -1.82
C PHE B 68 36.09 -0.05 -0.46
N VAL B 69 35.40 1.07 -0.26
CA VAL B 69 35.15 1.58 1.09
C VAL B 69 33.93 0.85 1.63
N VAL B 70 34.06 0.27 2.81
CA VAL B 70 32.96 -0.52 3.36
C VAL B 70 32.72 -0.07 4.79
N GLY B 71 31.47 -0.22 5.23
CA GLY B 71 31.12 0.04 6.61
C GLY B 71 31.16 -1.22 7.43
N LEU B 72 32.04 -1.27 8.42
CA LEU B 72 32.04 -2.31 9.44
C LEU B 72 31.57 -1.71 10.76
N LYS B 73 31.02 -2.56 11.64
CA LYS B 73 30.61 -2.03 12.93
C LYS B 73 31.75 -1.33 13.64
N THR B 74 32.98 -1.78 13.41
CA THR B 74 34.17 -1.24 14.06
C THR B 74 34.75 -0.03 13.35
N GLY B 75 34.15 0.40 12.25
CA GLY B 75 34.62 1.58 11.54
C GLY B 75 34.59 1.44 10.04
N ILE B 76 34.96 2.51 9.34
CA ILE B 76 35.00 2.53 7.89
C ILE B 76 36.31 1.90 7.44
N HIS B 77 36.22 0.87 6.60
CA HIS B 77 37.37 0.07 6.21
C HIS B 77 37.57 0.11 4.70
N ARG B 78 38.80 -0.24 4.29
CA ARG B 78 39.00 -0.65 2.92
C ARG B 78 38.79 -2.15 2.85
N PHE B 79 38.13 -2.60 1.80
CA PHE B 79 38.07 -4.03 1.51
C PHE B 79 38.62 -4.22 0.09
N HIS B 80 39.56 -5.13 -0.04
CA HIS B 80 40.05 -5.53 -1.35
C HIS B 80 40.11 -7.05 -1.32
N PRO B 81 39.60 -7.74 -2.33
CA PRO B 81 39.67 -9.21 -2.32
C PRO B 81 41.08 -9.73 -2.01
N ALA B 82 42.11 -9.04 -2.50
CA ALA B 82 43.47 -9.56 -2.30
C ALA B 82 43.97 -9.32 -0.88
N THR B 83 43.58 -8.21 -0.24
CA THR B 83 44.19 -7.83 1.03
C THR B 83 43.22 -7.85 2.20
N GLY B 84 41.93 -8.13 1.99
CA GLY B 84 41.00 -8.23 3.09
C GLY B 84 40.54 -6.85 3.53
N PHE B 85 40.38 -6.67 4.84
CA PHE B 85 39.79 -5.47 5.42
C PHE B 85 40.85 -4.74 6.22
N SER B 86 40.94 -3.42 6.04
CA SER B 86 41.89 -2.59 6.76
C SER B 86 41.21 -1.28 7.15
N LEU B 87 41.39 -0.86 8.41
CA LEU B 87 40.68 0.29 8.97
C LEU B 87 41.16 1.58 8.33
N LEU B 88 40.21 2.34 7.77
CA LEU B 88 40.49 3.68 7.26
C LEU B 88 40.18 4.76 8.29
N LEU B 89 39.05 4.65 8.98
CA LEU B 89 38.61 5.71 9.88
C LEU B 89 37.61 5.17 10.88
N GLU B 90 37.82 5.50 12.15
CA GLU B 90 36.83 5.22 13.19
C GLU B 90 35.98 6.48 13.35
N VAL B 91 34.77 6.47 12.79
CA VAL B 91 33.99 7.70 12.74
C VAL B 91 33.30 8.00 14.07
N GLU B 92 33.04 6.99 14.90
CA GLU B 92 32.24 7.18 16.10
C GLU B 92 32.83 6.39 17.25
N ASP B 93 32.52 6.86 18.46
CA ASP B 93 32.90 6.16 19.67
C ASP B 93 32.20 4.81 19.75
N ALA B 94 32.99 3.75 19.94
CA ALA B 94 32.44 2.39 19.97
C ALA B 94 31.42 2.22 21.08
N ALA B 95 31.52 3.01 22.15
CA ALA B 95 30.62 2.84 23.28
C ALA B 95 29.18 3.18 22.92
N LEU B 96 28.95 3.92 21.84
CA LEU B 96 27.60 4.21 21.40
C LEU B 96 26.87 2.95 20.95
N ASN B 97 27.59 1.87 20.68
CA ASN B 97 27.00 0.67 20.07
C ASN B 97 26.30 1.02 18.76
N ASN B 98 26.88 1.96 18.01
CA ASN B 98 26.42 2.27 16.67
C ASN B 98 27.12 1.34 15.68
N ARG B 99 26.56 1.30 14.47
CA ARG B 99 27.23 0.71 13.33
C ARG B 99 26.89 1.54 12.10
N PRO B 100 27.74 1.52 11.08
CA PRO B 100 27.36 2.11 9.80
C PRO B 100 26.13 1.42 9.26
N ASN B 101 25.50 2.06 8.27
CA ASN B 101 24.40 1.40 7.59
C ASN B 101 24.52 1.60 6.09
N ASP B 102 23.68 2.42 5.49
CA ASP B 102 23.58 2.57 4.04
C ASP B 102 24.52 3.64 3.50
N ALA B 103 24.79 3.57 2.20
CA ALA B 103 25.70 4.50 1.56
C ALA B 103 25.34 4.69 0.09
N THR B 104 25.81 5.80 -0.46
CA THR B 104 25.74 6.06 -1.89
C THR B 104 26.98 6.86 -2.28
N VAL B 105 27.25 6.92 -3.57
CA VAL B 105 28.36 7.70 -4.10
C VAL B 105 27.75 8.67 -5.12
N ASP B 106 28.01 9.96 -4.93
CA ASP B 106 27.44 10.93 -5.86
C ASP B 106 28.36 11.11 -7.08
N ALA B 107 27.87 11.89 -8.05
CA ALA B 107 28.59 12.03 -9.32
C ALA B 107 29.91 12.77 -9.19
N GLN B 108 30.16 13.40 -8.05
CA GLN B 108 31.43 14.05 -7.77
C GLN B 108 32.40 13.11 -7.06
N GLY B 109 32.02 11.85 -6.86
CA GLY B 109 32.87 10.91 -6.17
C GLY B 109 32.84 11.01 -4.67
N ARG B 110 31.84 11.68 -4.10
CA ARG B 110 31.70 11.78 -2.65
C ARG B 110 30.93 10.58 -2.13
N LEU B 111 31.37 10.05 -0.99
CA LEU B 111 30.70 8.95 -0.32
C LEU B 111 29.81 9.52 0.78
N TRP B 112 28.51 9.26 0.66
CA TRP B 112 27.54 9.61 1.71
C TRP B 112 27.16 8.33 2.42
N PHE B 113 27.35 8.28 3.73
CA PHE B 113 26.96 7.09 4.47
C PHE B 113 26.34 7.50 5.80
N GLY B 114 25.44 6.65 6.28
CA GLY B 114 24.84 6.89 7.58
C GLY B 114 25.31 5.88 8.60
N THR B 115 25.07 6.21 9.87
CA THR B 115 25.26 5.29 10.97
C THR B 115 23.92 5.12 11.69
N MET B 116 23.88 4.16 12.61
CA MET B 116 22.63 3.85 13.29
C MET B 116 22.96 3.21 14.61
N HIS B 117 22.01 3.25 15.54
CA HIS B 117 22.15 2.45 16.75
C HIS B 117 21.98 0.98 16.41
N ASP B 118 23.01 0.16 16.67
CA ASP B 118 22.89 -1.25 16.33
C ASP B 118 21.76 -1.91 17.10
N GLY B 119 21.47 -1.40 18.31
CA GLY B 119 20.32 -1.87 19.05
C GLY B 119 18.99 -1.32 18.57
N GLU B 120 18.99 -0.38 17.61
CA GLU B 120 17.77 0.13 16.99
C GLU B 120 16.84 0.77 18.02
N GLU B 121 17.42 1.48 19.00
CA GLU B 121 16.65 2.15 20.05
C GLU B 121 17.02 3.61 20.24
N ASN B 122 18.31 3.92 20.29
CA ASN B 122 18.79 5.26 20.58
C ASN B 122 18.88 6.09 19.30
N ASN B 123 18.63 7.39 19.45
CA ASN B 123 18.72 8.32 18.32
C ASN B 123 20.16 8.80 18.16
N SER B 124 21.06 7.84 17.95
CA SER B 124 22.49 8.09 18.00
C SER B 124 23.16 8.12 16.64
N GLY B 125 22.43 7.87 15.55
CA GLY B 125 23.02 7.81 14.23
C GLY B 125 23.11 9.16 13.54
N SER B 126 24.01 9.24 12.56
CA SER B 126 24.24 10.48 11.82
C SER B 126 24.40 10.17 10.34
N LEU B 127 24.37 11.23 9.53
CA LEU B 127 24.72 11.14 8.11
C LEU B 127 26.09 11.77 7.90
N TYR B 128 26.95 11.11 7.12
CA TYR B 128 28.30 11.59 6.89
C TYR B 128 28.57 11.76 5.40
N ARG B 129 29.42 12.73 5.08
CA ARG B 129 29.89 12.94 3.72
C ARG B 129 31.41 12.81 3.75
N MET B 130 31.95 11.86 3.00
CA MET B 130 33.39 11.65 2.90
C MET B 130 33.81 12.07 1.51
N ASP B 131 34.74 13.02 1.43
CA ASP B 131 35.22 13.50 0.14
C ASP B 131 36.65 13.98 0.28
N LEU B 132 37.11 14.79 -0.68
CA LEU B 132 38.50 15.22 -0.70
C LEU B 132 38.82 16.25 0.37
N THR B 133 37.81 16.81 1.03
CA THR B 133 38.05 17.67 2.18
C THR B 133 38.02 16.90 3.49
N GLY B 134 37.77 15.59 3.45
CA GLY B 134 37.72 14.83 4.67
C GLY B 134 36.32 14.30 4.92
N VAL B 135 36.00 14.04 6.17
CA VAL B 135 34.70 13.51 6.58
C VAL B 135 33.95 14.58 7.32
N ALA B 136 32.69 14.82 6.93
CA ALA B 136 31.83 15.82 7.55
C ALA B 136 30.57 15.15 8.09
N ARG B 137 30.17 15.53 9.31
CA ARG B 137 28.90 15.10 9.87
C ARG B 137 27.81 16.01 9.34
N MET B 138 26.83 15.43 8.65
CA MET B 138 25.90 16.20 7.83
C MET B 138 24.50 16.31 8.42
N ASP B 139 24.10 15.35 9.24
CA ASP B 139 22.82 15.34 9.93
C ASP B 139 23.00 14.43 11.14
N ARG B 140 22.16 14.58 12.16
CA ARG B 140 22.46 13.87 13.39
C ARG B 140 21.19 13.45 14.12
N ASP B 141 21.37 12.57 15.10
CA ASP B 141 20.32 12.18 16.07
C ASP B 141 19.19 11.39 15.41
N ILE B 142 19.57 10.41 14.59
CA ILE B 142 18.62 9.54 13.92
C ILE B 142 18.88 8.11 14.36
N CYS B 143 17.83 7.39 14.73
CA CYS B 143 18.03 6.02 15.20
C CYS B 143 18.52 5.12 14.07
N ILE B 144 17.79 5.07 12.96
CA ILE B 144 18.14 4.25 11.80
C ILE B 144 18.14 5.15 10.57
N THR B 145 19.33 5.45 10.05
CA THR B 145 19.47 6.15 8.79
C THR B 145 19.35 5.16 7.64
N ASN B 146 19.04 5.68 6.45
CA ASN B 146 18.86 4.77 5.32
C ASN B 146 18.82 5.55 4.02
N GLY B 147 19.18 4.85 2.94
CA GLY B 147 18.83 5.25 1.60
C GLY B 147 19.29 6.62 1.16
N PRO B 148 20.53 7.01 1.45
CA PRO B 148 21.04 8.24 0.83
C PRO B 148 21.14 8.06 -0.68
N CYS B 149 20.68 9.07 -1.42
CA CYS B 149 20.78 9.01 -2.87
C CYS B 149 20.61 10.40 -3.43
N VAL B 150 21.02 10.57 -4.69
CA VAL B 150 21.05 11.86 -5.34
CA VAL B 150 21.07 11.86 -5.35
C VAL B 150 20.33 11.75 -6.67
N SER B 151 19.71 12.87 -7.08
CA SER B 151 19.00 12.91 -8.34
C SER B 151 19.98 12.98 -9.51
N PRO B 152 19.53 12.60 -10.70
CA PRO B 152 20.42 12.64 -11.88
C PRO B 152 21.02 14.00 -12.17
N ASP B 153 20.31 15.10 -11.88
CA ASP B 153 20.89 16.42 -12.11
C ASP B 153 21.84 16.84 -10.99
N GLY B 154 21.98 16.01 -9.95
CA GLY B 154 22.90 16.26 -8.87
C GLY B 154 22.47 17.33 -7.90
N LYS B 155 21.23 17.81 -8.00
CA LYS B 155 20.78 18.95 -7.23
C LYS B 155 19.87 18.59 -6.07
N THR B 156 19.40 17.35 -5.98
CA THR B 156 18.54 16.95 -4.89
C THR B 156 19.11 15.71 -4.21
N PHE B 157 19.15 15.74 -2.89
CA PHE B 157 19.65 14.66 -2.08
C PHE B 157 18.50 14.14 -1.23
N TYR B 158 18.36 12.84 -1.16
CA TYR B 158 17.30 12.22 -0.37
C TYR B 158 17.93 11.40 0.74
N HIS B 159 17.25 11.38 1.89
CA HIS B 159 17.74 10.60 3.02
C HIS B 159 16.54 10.16 3.85
N THR B 160 16.65 8.99 4.47
CA THR B 160 15.52 8.37 5.15
C THR B 160 15.80 8.18 6.63
N ASP B 161 14.79 8.48 7.45
CA ASP B 161 14.76 8.10 8.86
C ASP B 161 13.76 6.95 8.97
N THR B 162 14.27 5.72 9.13
CA THR B 162 13.44 4.54 8.92
C THR B 162 12.34 4.43 9.97
N LEU B 163 12.67 4.62 11.25
CA LEU B 163 11.69 4.38 12.29
C LEU B 163 10.66 5.50 12.36
N GLU B 164 11.03 6.72 11.98
CA GLU B 164 10.03 7.77 11.82
C GLU B 164 9.29 7.65 10.50
N LYS B 165 9.70 6.72 9.64
CA LYS B 165 9.06 6.48 8.34
C LYS B 165 9.05 7.72 7.45
N THR B 166 10.15 8.46 7.44
CA THR B 166 10.21 9.72 6.73
C THR B 166 11.38 9.72 5.76
N ILE B 167 11.09 10.04 4.50
CA ILE B 167 12.12 10.35 3.51
C ILE B 167 12.19 11.86 3.37
N TYR B 168 13.38 12.43 3.56
CA TYR B 168 13.61 13.85 3.38
C TYR B 168 14.28 14.10 2.04
N ALA B 169 14.04 15.29 1.51
CA ALA B 169 14.77 15.81 0.36
C ALA B 169 15.51 17.05 0.81
N PHE B 170 16.68 17.28 0.21
CA PHE B 170 17.51 18.46 0.47
C PHE B 170 17.96 19.05 -0.86
N ASP B 171 18.25 20.34 -0.85
CA ASP B 171 19.03 20.93 -1.93
C ASP B 171 20.49 20.57 -1.74
N LEU B 172 21.13 20.07 -2.80
CA LEU B 172 22.54 19.72 -2.76
C LEU B 172 23.32 20.70 -3.62
N ALA B 173 24.21 21.46 -2.99
CA ALA B 173 25.01 22.46 -3.68
C ALA B 173 26.21 21.80 -4.35
N GLU B 174 26.79 22.53 -5.31
CA GLU B 174 27.97 22.01 -6.00
C GLU B 174 29.10 21.73 -5.03
N ASP B 175 29.22 22.54 -3.96
CA ASP B 175 30.27 22.32 -2.99
C ASP B 175 29.93 21.22 -1.99
N GLY B 176 28.78 20.56 -2.14
CA GLY B 176 28.43 19.43 -1.32
C GLY B 176 27.62 19.75 -0.08
N LEU B 177 27.22 21.00 0.13
CA LEU B 177 26.44 21.34 1.30
C LEU B 177 24.97 21.04 1.08
N LEU B 178 24.30 20.65 2.15
CA LEU B 178 22.88 20.37 2.13
C LEU B 178 22.13 21.56 2.72
N SER B 179 20.96 21.84 2.16
CA SER B 179 20.12 22.91 2.69
C SER B 179 18.67 22.61 2.34
N ASN B 180 17.77 23.46 2.85
CA ASN B 180 16.36 23.42 2.48
CA ASN B 180 16.36 23.42 2.46
C ASN B 180 15.74 22.05 2.73
N LYS B 181 16.08 21.45 3.88
CA LYS B 181 15.51 20.16 4.23
C LYS B 181 13.99 20.24 4.27
N ARG B 182 13.34 19.22 3.71
CA ARG B 182 11.89 19.14 3.77
C ARG B 182 11.47 17.68 3.71
N VAL B 183 10.25 17.42 4.20
CA VAL B 183 9.68 16.09 4.05
C VAL B 183 9.38 15.82 2.58
N PHE B 184 9.88 14.69 2.06
CA PHE B 184 9.58 14.24 0.71
C PHE B 184 8.41 13.25 0.71
N VAL B 185 8.50 12.20 1.52
CA VAL B 185 7.46 11.19 1.67
C VAL B 185 7.37 10.81 3.13
N GLN B 186 6.15 10.75 3.65
CA GLN B 186 5.90 10.24 4.99
C GLN B 186 4.96 9.04 4.91
N PHE B 187 5.39 7.91 5.49
CA PHE B 187 4.61 6.68 5.48
C PHE B 187 3.71 6.65 6.70
N ALA B 188 2.47 6.20 6.52
CA ALA B 188 1.54 6.07 7.63
C ALA B 188 2.19 5.35 8.81
N LEU B 189 1.93 5.86 10.01
CA LEU B 189 2.36 5.20 11.24
C LEU B 189 1.19 4.36 11.72
N GLY B 190 1.49 3.17 12.24
CA GLY B 190 0.46 2.25 12.64
C GLY B 190 0.85 0.83 12.29
N ASP B 191 0.89 0.53 11.00
CA ASP B 191 1.31 -0.79 10.54
C ASP B 191 2.78 -1.02 10.86
N ASP B 192 3.34 -2.09 10.31
CA ASP B 192 4.73 -2.47 10.54
C ASP B 192 5.54 -2.40 9.24
N VAL B 193 5.19 -1.45 8.37
CA VAL B 193 5.88 -1.23 7.12
C VAL B 193 6.78 -0.02 7.29
N TYR B 194 8.07 -0.18 6.98
CA TYR B 194 9.07 0.86 7.14
C TYR B 194 9.85 1.04 5.85
N PRO B 195 10.20 2.27 5.50
CA PRO B 195 11.07 2.47 4.34
C PRO B 195 12.49 2.07 4.69
N ASP B 196 13.07 1.19 3.89
CA ASP B 196 14.48 0.82 4.10
C ASP B 196 15.34 1.63 3.14
N GLY B 197 16.02 0.96 2.19
CA GLY B 197 16.91 1.66 1.28
C GLY B 197 16.23 2.17 0.03
N SER B 198 16.81 3.23 -0.56
CA SER B 198 16.24 3.87 -1.74
C SER B 198 17.34 4.18 -2.73
N VAL B 199 16.94 4.25 -4.01
CA VAL B 199 17.79 4.75 -5.08
C VAL B 199 16.93 5.65 -5.96
N VAL B 200 17.58 6.50 -6.74
CA VAL B 200 16.90 7.35 -7.70
C VAL B 200 17.23 6.84 -9.11
N ASP B 201 16.22 6.73 -9.97
CA ASP B 201 16.47 6.19 -11.30
C ASP B 201 16.81 7.33 -12.26
N SER B 202 17.03 6.97 -13.53
CA SER B 202 17.50 7.99 -14.47
C SER B 202 16.46 9.07 -14.74
N GLU B 203 15.19 8.87 -14.40
CA GLU B 203 14.20 9.92 -14.59
C GLU B 203 13.99 10.77 -13.35
N GLY B 204 14.73 10.52 -12.28
CA GLY B 204 14.54 11.23 -11.03
C GLY B 204 13.50 10.65 -10.11
N TYR B 205 12.96 9.48 -10.44
CA TYR B 205 12.00 8.84 -9.56
C TYR B 205 12.72 8.06 -8.47
N LEU B 206 12.16 8.09 -7.26
CA LEU B 206 12.74 7.38 -6.13
C LEU B 206 12.11 6.00 -6.00
N TRP B 207 12.95 4.98 -5.95
CA TRP B 207 12.52 3.61 -5.65
C TRP B 207 12.90 3.29 -4.21
N THR B 208 11.91 2.91 -3.40
CA THR B 208 12.09 2.64 -1.98
C THR B 208 11.68 1.21 -1.68
N ALA B 209 12.60 0.44 -1.10
CA ALA B 209 12.31 -0.90 -0.62
C ALA B 209 11.58 -0.81 0.72
N LEU B 210 10.62 -1.69 0.93
CA LEU B 210 9.78 -1.64 2.12
C LEU B 210 10.10 -2.81 3.03
N TRP B 211 10.58 -2.51 4.24
CA TRP B 211 10.62 -3.49 5.31
C TRP B 211 9.21 -3.79 5.77
N GLY B 212 8.86 -5.08 5.79
CA GLY B 212 7.49 -5.49 6.09
C GLY B 212 6.48 -5.21 5.01
N GLY B 213 6.90 -4.68 3.86
CA GLY B 213 5.95 -4.24 2.85
C GLY B 213 5.88 -5.10 1.60
N PHE B 214 6.63 -6.21 1.56
CA PHE B 214 6.48 -7.20 0.49
C PHE B 214 6.71 -6.61 -0.89
N GLY B 215 7.60 -5.62 -1.00
CA GLY B 215 7.92 -5.06 -2.30
C GLY B 215 8.61 -3.70 -2.16
N ALA B 216 8.50 -2.92 -3.23
CA ALA B 216 9.16 -1.62 -3.34
C ALA B 216 8.23 -0.68 -4.11
N VAL B 217 8.33 0.61 -3.80
CA VAL B 217 7.44 1.62 -4.38
C VAL B 217 8.27 2.63 -5.15
N ARG B 218 7.75 3.04 -6.31
CA ARG B 218 8.37 4.09 -7.10
C ARG B 218 7.60 5.40 -6.88
N PHE B 219 8.33 6.45 -6.48
CA PHE B 219 7.76 7.76 -6.24
C PHE B 219 8.18 8.74 -7.33
N SER B 220 7.22 9.58 -7.75
CA SER B 220 7.55 10.68 -8.64
C SER B 220 8.44 11.70 -7.92
N PRO B 221 9.14 12.56 -8.66
CA PRO B 221 9.91 13.63 -8.01
C PRO B 221 9.06 14.55 -7.17
N GLN B 222 7.74 14.54 -7.37
CA GLN B 222 6.82 15.30 -6.54
C GLN B 222 6.39 14.53 -5.30
N GLY B 223 6.79 13.28 -5.16
CA GLY B 223 6.53 12.53 -3.94
C GLY B 223 5.30 11.66 -3.96
N ASP B 224 4.73 11.40 -5.13
CA ASP B 224 3.52 10.59 -5.25
C ASP B 224 3.88 9.18 -5.71
N ALA B 225 3.31 8.18 -5.07
CA ALA B 225 3.54 6.80 -5.49
C ALA B 225 2.93 6.55 -6.87
N VAL B 226 3.74 6.02 -7.79
CA VAL B 226 3.26 5.72 -9.14
C VAL B 226 3.31 4.24 -9.48
N THR B 227 4.15 3.43 -8.82
CA THR B 227 4.18 2.01 -9.12
C THR B 227 4.59 1.25 -7.87
N ARG B 228 4.29 -0.04 -7.88
CA ARG B 228 4.65 -0.90 -6.77
C ARG B 228 5.02 -2.26 -7.33
N ILE B 229 6.21 -2.75 -6.98
CA ILE B 229 6.64 -4.07 -7.39
C ILE B 229 6.46 -5.00 -6.21
N GLU B 230 5.83 -6.14 -6.46
CA GLU B 230 5.51 -7.10 -5.42
C GLU B 230 6.58 -8.18 -5.38
N LEU B 231 7.05 -8.49 -4.18
CA LEU B 231 8.00 -9.58 -4.03
C LEU B 231 7.49 -10.58 -2.99
N PRO B 232 7.74 -11.88 -3.20
CA PRO B 232 7.40 -12.92 -2.24
C PRO B 232 8.37 -12.96 -1.05
N ALA B 233 8.56 -11.81 -0.42
CA ALA B 233 9.49 -11.68 0.69
C ALA B 233 9.01 -10.52 1.53
N PRO B 234 8.71 -10.74 2.80
CA PRO B 234 8.11 -9.67 3.60
C PRO B 234 9.02 -8.45 3.71
N ASN B 235 10.32 -8.66 3.86
CA ASN B 235 11.28 -7.59 4.12
C ASN B 235 12.16 -7.40 2.90
N VAL B 236 11.98 -6.27 2.23
CA VAL B 236 12.78 -5.90 1.07
C VAL B 236 13.65 -4.72 1.48
N THR B 237 14.97 -4.83 1.26
CA THR B 237 15.87 -3.88 1.89
C THR B 237 16.39 -2.80 0.95
N LYS B 238 16.65 -3.10 -0.32
CA LYS B 238 17.18 -2.03 -1.16
C LYS B 238 17.06 -2.40 -2.62
N PRO B 239 16.73 -1.46 -3.51
CA PRO B 239 16.80 -1.73 -4.95
C PRO B 239 18.18 -1.38 -5.51
N CYS B 240 18.47 -1.96 -6.67
CA CYS B 240 19.74 -1.69 -7.35
C CYS B 240 19.55 -1.94 -8.84
N PHE B 241 19.78 -0.91 -9.65
CA PHE B 241 19.68 -1.09 -11.10
C PHE B 241 20.96 -1.71 -11.64
N GLY B 242 20.82 -2.77 -12.42
CA GLY B 242 21.96 -3.43 -13.01
C GLY B 242 21.58 -3.93 -14.39
N GLY B 243 22.35 -4.88 -14.93
CA GLY B 243 22.12 -5.37 -16.26
C GLY B 243 22.78 -4.49 -17.29
N PRO B 244 22.84 -4.97 -18.54
CA PRO B 244 23.60 -4.26 -19.57
C PRO B 244 23.08 -2.85 -19.86
N ASP B 245 21.78 -2.61 -19.71
CA ASP B 245 21.19 -1.30 -19.96
C ASP B 245 20.74 -0.62 -18.68
N LEU B 246 21.15 -1.15 -17.52
CA LEU B 246 20.68 -0.66 -16.22
C LEU B 246 19.17 -0.72 -16.12
N LYS B 247 18.55 -1.65 -16.83
CA LYS B 247 17.10 -1.85 -16.82
C LYS B 247 16.70 -3.16 -16.16
N THR B 248 17.62 -3.80 -15.45
CA THR B 248 17.30 -4.93 -14.59
C THR B 248 17.35 -4.44 -13.16
N LEU B 249 16.21 -4.48 -12.47
CA LEU B 249 16.14 -3.99 -11.10
C LEU B 249 16.33 -5.15 -10.14
N TYR B 250 17.41 -5.10 -9.36
CA TYR B 250 17.73 -6.10 -8.36
C TYR B 250 17.21 -5.65 -6.99
N PHE B 251 16.94 -6.62 -6.12
CA PHE B 251 16.53 -6.33 -4.76
C PHE B 251 17.21 -7.29 -3.81
N THR B 252 17.75 -6.75 -2.72
CA THR B 252 18.13 -7.55 -1.57
C THR B 252 16.95 -7.65 -0.61
N THR B 253 16.94 -8.72 0.19
CA THR B 253 15.85 -8.97 1.14
C THR B 253 16.43 -9.56 2.42
N ALA B 254 15.58 -9.70 3.43
CA ALA B 254 16.05 -10.07 4.76
C ALA B 254 15.12 -11.06 5.44
N ARG B 255 15.71 -12.08 6.08
CA ARG B 255 14.97 -13.00 6.92
C ARG B 255 14.89 -12.54 8.37
N LYS B 256 15.78 -11.65 8.77
CA LYS B 256 15.75 -11.08 10.12
C LYS B 256 14.32 -10.67 10.47
N GLY B 257 13.89 -11.06 11.67
CA GLY B 257 12.61 -10.65 12.20
C GLY B 257 11.43 -11.51 11.82
N LEU B 258 11.61 -12.50 10.95
CA LEU B 258 10.49 -13.27 10.43
C LEU B 258 10.38 -14.60 11.17
N SER B 259 9.15 -14.96 11.56
CA SER B 259 8.89 -16.19 12.28
C SER B 259 9.14 -17.39 11.39
N ASP B 260 9.33 -18.55 12.02
CA ASP B 260 9.50 -19.79 11.27
C ASP B 260 8.28 -20.05 10.39
N GLU B 261 7.09 -19.75 10.90
CA GLU B 261 5.88 -19.95 10.11
C GLU B 261 5.85 -19.01 8.90
N THR B 262 6.23 -17.75 9.10
CA THR B 262 6.30 -16.82 7.98
C THR B 262 7.34 -17.27 6.97
N LEU B 263 8.48 -17.75 7.44
CA LEU B 263 9.53 -18.20 6.55
C LEU B 263 9.10 -19.42 5.75
N ALA B 264 8.28 -20.29 6.35
CA ALA B 264 7.76 -21.44 5.62
C ALA B 264 6.87 -21.01 4.46
N GLN B 265 6.08 -19.96 4.67
CA GLN B 265 5.20 -19.47 3.62
C GLN B 265 6.00 -18.75 2.53
N TYR B 266 7.08 -18.07 2.90
CA TYR B 266 7.93 -17.31 1.98
C TYR B 266 9.37 -17.79 2.09
N PRO B 267 9.66 -19.00 1.60
CA PRO B 267 11.00 -19.58 1.81
C PRO B 267 12.11 -18.85 1.09
N LEU B 268 11.79 -18.04 0.09
CA LEU B 268 12.81 -17.30 -0.63
C LEU B 268 13.21 -16.01 0.10
N ALA B 269 12.57 -15.69 1.22
CA ALA B 269 12.98 -14.55 2.01
C ALA B 269 14.50 -14.57 2.20
N GLY B 270 15.13 -13.41 2.04
CA GLY B 270 16.57 -13.32 2.13
C GLY B 270 17.30 -13.57 0.82
N GLY B 271 16.58 -13.83 -0.26
CA GLY B 271 17.19 -14.06 -1.56
C GLY B 271 17.38 -12.77 -2.32
N VAL B 272 18.09 -12.87 -3.43
CA VAL B 272 18.31 -11.75 -4.34
C VAL B 272 17.33 -11.89 -5.49
N PHE B 273 16.56 -10.84 -5.74
CA PHE B 273 15.52 -10.85 -6.76
C PHE B 273 15.86 -9.89 -7.88
N ALA B 274 15.28 -10.17 -9.04
CA ALA B 274 15.51 -9.33 -10.22
C ALA B 274 14.23 -9.31 -11.03
N VAL B 275 13.96 -8.17 -11.65
CA VAL B 275 12.82 -8.02 -12.55
C VAL B 275 13.21 -6.99 -13.59
N PRO B 276 12.90 -7.18 -14.86
CA PRO B 276 13.14 -6.14 -15.85
C PRO B 276 12.23 -4.94 -15.57
N VAL B 277 12.77 -3.75 -15.78
CA VAL B 277 12.01 -2.53 -15.55
C VAL B 277 12.12 -1.66 -16.78
N ASP B 278 11.23 -0.69 -16.83
CA ASP B 278 10.99 0.02 -18.07
C ASP B 278 11.88 1.25 -18.20
N VAL B 279 12.28 1.84 -17.08
CA VAL B 279 13.13 3.03 -17.06
C VAL B 279 14.46 2.68 -16.39
N ALA B 280 15.55 3.13 -17.01
CA ALA B 280 16.89 2.78 -16.57
C ALA B 280 17.25 3.47 -15.26
N GLY B 281 18.14 2.82 -14.50
CA GLY B 281 18.73 3.44 -13.33
C GLY B 281 19.88 4.34 -13.73
N GLN B 282 20.56 4.86 -12.71
CA GLN B 282 21.77 5.65 -12.85
C GLN B 282 23.01 4.79 -12.72
N PRO B 283 24.08 5.15 -13.43
CA PRO B 283 25.35 4.43 -13.29
C PRO B 283 25.96 4.60 -11.90
N GLN B 284 26.54 3.51 -11.38
CA GLN B 284 27.30 3.56 -10.14
C GLN B 284 28.51 4.48 -10.29
N HIS B 285 28.74 5.35 -9.29
CA HIS B 285 29.91 6.20 -9.24
C HIS B 285 30.95 5.65 -8.28
N GLU B 286 32.20 6.07 -8.46
CA GLU B 286 33.32 5.60 -7.65
C GLU B 286 33.79 6.69 -6.71
N VAL B 287 34.23 6.28 -5.53
CA VAL B 287 34.66 7.22 -4.50
C VAL B 287 36.06 7.72 -4.82
N ARG B 288 36.26 9.02 -4.70
CA ARG B 288 37.59 9.63 -4.89
C ARG B 288 38.24 9.80 -3.52
N LEU B 289 39.19 8.92 -3.20
CA LEU B 289 39.97 9.04 -1.98
C LEU B 289 41.17 9.97 -2.15
N VAL B 290 41.62 10.17 -3.38
CA VAL B 290 42.68 11.11 -3.69
C VAL B 290 42.34 11.78 -5.02
C02 7UK C . -29.60 -5.24 7.48
C03 7UK C . -30.78 -4.72 8.34
C04 7UK C . -31.00 -5.81 9.47
C06 7UK C . -30.13 -7.11 8.98
N07 7UK C . -29.32 -6.71 7.97
O01 7UK C . -29.01 -4.62 6.58
O05 7UK C . -32.40 -6.01 9.76
H031 7UK C . -31.57 -4.63 7.79
H032 7UK C . -30.54 -3.87 8.74
H041 7UK C . -30.61 -5.46 10.29
H062 7UK C . -29.60 -7.44 9.72
H061 7UK C . -30.74 -7.80 8.67
H071 7UK C . -28.71 -7.21 7.64
H051 7UK C . -32.85 -5.76 9.09
FE FE2 D . -24.41 -2.78 3.29
C02 7UK E . 18.91 -1.47 7.31
C02 7UK E . 18.81 -1.52 7.31
C03 7UK E . 17.69 -2.40 7.45
C03 7UK E . 19.89 -1.93 8.33
C04 7UK E . 18.16 -3.57 8.42
C04 7UK E . 19.42 -3.33 8.90
C06 7UK E . 19.79 -3.47 8.43
C06 7UK E . 18.00 -3.68 8.15
N07 7UK E . 20.13 -2.24 7.96
N07 7UK E . 17.73 -2.66 7.31
O01 7UK E . 18.92 -0.35 6.80
O01 7UK E . 18.81 -0.47 6.64
O05 7UK E . 17.51 -4.79 8.03
O05 7UK E . 19.41 -3.34 10.34
H031 7UK E . 17.44 -2.77 6.58
H031 7UK E . 19.94 -1.27 9.05
H032 7UK E . 16.94 -1.93 7.84
H032 7UK E . 20.75 -2.02 7.88
H041 7UK E . 17.86 -3.38 9.33
H041 7UK E . 20.09 -3.97 8.60
H062 7UK E . 20.12 -3.57 9.33
H062 7UK E . 18.09 -4.51 7.66
H061 7UK E . 20.16 -4.15 7.85
H061 7UK E . 17.30 -3.75 8.81
H071 7UK E . 20.93 -1.92 8.00
H071 7UK E . 17.02 -2.64 6.81
H051 7UK E . 17.63 -5.37 8.64
H051 7UK E . 19.73 -4.09 10.61
C02 7UK F . 14.29 -2.23 10.00
C03 7UK F . 12.85 -1.70 10.15
C04 7UK F . 12.43 -2.02 11.65
C06 7UK F . 13.82 -2.42 12.42
N07 7UK F . 14.76 -2.64 11.46
O01 7UK F . 14.95 -2.31 8.95
O05 7UK F . 11.36 -2.99 11.71
H031 7UK F . 12.27 -2.16 9.53
H032 7UK F . 12.84 -0.75 10.00
H041 7UK F . 12.08 -1.19 12.01
H062 7UK F . 14.10 -1.70 12.99
H061 7UK F . 13.69 -3.23 12.94
H071 7UK F . 15.53 -2.98 11.63
H051 7UK F . 11.09 -3.05 12.52
C02 7UK G . 37.98 -2.85 -6.71
C03 7UK G . 38.69 -4.13 -6.23
C04 7UK G . 38.00 -5.29 -7.07
C06 7UK G . 36.63 -4.66 -7.69
N07 7UK G . 36.74 -3.32 -7.58
O01 7UK G . 38.33 -1.68 -6.45
O05 7UK G . 37.82 -6.49 -6.30
H031 7UK G . 38.56 -4.26 -5.29
H032 7UK G . 39.64 -4.08 -6.44
H041 7UK G . 38.64 -5.49 -7.77
H062 7UK G . 36.55 -4.90 -8.63
H061 7UK G . 35.86 -4.96 -7.19
H071 7UK G . 36.20 -2.76 -7.95
H051 7UK G . 36.99 -6.59 -6.13
C02 7UK H . 20.70 19.61 9.05
C03 7UK H . 19.44 19.86 8.20
C04 7UK H . 19.99 20.37 6.79
C06 7UK H . 21.56 20.71 7.02
N07 7UK H . 21.92 20.18 8.22
O01 7UK H . 20.73 19.06 10.17
O05 7UK H . 19.14 21.41 6.27
H031 7UK H . 18.90 20.56 8.61
H032 7UK H . 18.93 19.05 8.09
H041 7UK H . 19.93 19.62 6.18
H062 7UK H . 22.09 20.32 6.31
H061 7UK H . 21.69 21.68 7.06
H071 7UK H . 22.73 20.15 8.50
H051 7UK H . 18.74 21.80 6.91
FE FE2 I . 18.99 -0.32 4.77
#